data_6NZF
#
_entry.id   6NZF
#
_cell.length_a   70.394
_cell.length_b   66.100
_cell.length_c   75.155
_cell.angle_alpha   90.000
_cell.angle_beta   112.890
_cell.angle_gamma   90.000
#
_symmetry.space_group_name_H-M   'P 1 21 1'
#
loop_
_entity.id
_entity.type
_entity.pdbx_description
1 polymer 'Non-receptor tyrosine-protein kinase TYK2'
2 non-polymer 6-[(5-fluoropyridin-2-yl)amino]-N-methyl-4-{[2-(methylsulfonyl)phenyl]amino}pyridine-3-carboxamide
3 non-polymer 'SULFATE ION'
4 water water
#
_entity_poly.entity_id   1
_entity_poly.type   'polypeptide(L)'
_entity_poly.pdbx_seq_one_letter_code
;MGSSHHHHHHSSGETVRFQGHMNLSQLSFHRVDQKEITQLSHLGQGTRTNVYEGRLRVEGSGDPEEGKMDDEDPLVPGRD
RGQELRVVLKVLDPSHHDIALAFYETASLMSQVSHTHLAFVHGVCVRGPENIMVTEYVEHGPLDVWLRRERGHVPMAWKM
VVAQQLASALSYLENKNLVHGNVCGRNILLARLGLAEGTSPFIKLSDPGVGLGALSREERVERIPWLAPECLPGGANSLS
TAMDKWGFGATLLEICFDGEAPLQSRSPSEKEHFYQRQHRLPEPSCPQLATLTSQCLTYEPTQRPSFRTILRDLTRL
;
_entity_poly.pdbx_strand_id   A,B
#
loop_
_chem_comp.id
_chem_comp.type
_chem_comp.name
_chem_comp.formula
L91 non-polymer 6-[(5-fluoropyridin-2-yl)amino]-N-methyl-4-{[2-(methylsulfonyl)phenyl]amino}pyridine-3-carboxamide 'C19 H18 F N5 O3 S'
SO4 non-polymer 'SULFATE ION' 'O4 S -2'
#
# COMPACT_ATOMS: atom_id res chain seq x y z
N SER A 28 -3.70 13.64 -30.62
CA SER A 28 -4.28 12.35 -30.24
C SER A 28 -3.93 11.94 -28.78
N PHE A 29 -2.65 12.11 -28.40
CA PHE A 29 -2.02 11.84 -27.10
C PHE A 29 -0.88 12.86 -26.95
N HIS A 30 -0.34 13.05 -25.74
CA HIS A 30 0.74 13.98 -25.52
C HIS A 30 2.08 13.37 -25.95
N ARG A 31 2.95 14.17 -26.57
CA ARG A 31 4.29 13.70 -26.94
C ARG A 31 5.22 14.02 -25.80
N VAL A 32 6.02 13.05 -25.38
CA VAL A 32 6.96 13.22 -24.29
C VAL A 32 8.35 13.17 -24.90
N ASP A 33 9.22 14.15 -24.61
CA ASP A 33 10.61 14.14 -25.11
C ASP A 33 11.41 13.17 -24.25
N GLN A 34 12.44 12.51 -24.81
CA GLN A 34 13.30 11.59 -24.05
C GLN A 34 14.04 12.29 -22.87
N LYS A 35 14.13 13.64 -22.91
CA LYS A 35 14.76 14.45 -21.86
C LYS A 35 13.92 14.49 -20.59
N GLU A 36 12.59 14.29 -20.72
CA GLU A 36 11.66 14.32 -19.59
C GLU A 36 11.52 12.96 -18.85
N ILE A 37 12.03 11.87 -19.44
CA ILE A 37 11.90 10.54 -18.85
C ILE A 37 13.22 9.86 -18.50
N THR A 38 13.20 9.15 -17.34
CA THR A 38 14.30 8.36 -16.80
C THR A 38 13.78 6.92 -16.66
N GLN A 39 14.49 5.98 -17.28
CA GLN A 39 14.18 4.55 -17.25
C GLN A 39 14.94 3.85 -16.11
N LEU A 40 14.19 3.10 -15.25
CA LEU A 40 14.75 2.45 -14.06
C LEU A 40 14.59 0.91 -14.08
N SER A 41 14.21 0.29 -12.94
CA SER A 41 14.04 -1.16 -12.77
C SER A 41 13.03 -1.81 -13.77
N HIS A 42 13.42 -2.97 -14.35
CA HIS A 42 12.63 -3.77 -15.27
C HIS A 42 11.58 -4.52 -14.47
N LEU A 43 10.29 -4.17 -14.66
CA LEU A 43 9.15 -4.78 -13.97
C LEU A 43 8.66 -6.10 -14.57
N GLY A 44 8.61 -6.15 -15.88
CA GLY A 44 8.20 -7.34 -16.60
C GLY A 44 8.08 -7.13 -18.09
N GLN A 45 7.37 -8.03 -18.77
CA GLN A 45 7.17 -7.96 -20.20
C GLN A 45 5.68 -7.96 -20.51
N GLY A 46 5.34 -7.32 -21.61
CA GLY A 46 3.98 -7.25 -22.12
C GLY A 46 4.01 -7.83 -23.51
N THR A 47 2.88 -7.78 -24.23
CA THR A 47 2.87 -8.24 -25.62
C THR A 47 3.70 -7.22 -26.40
N ARG A 48 4.90 -7.67 -26.86
CA ARG A 48 5.89 -6.94 -27.64
C ARG A 48 6.49 -5.73 -26.88
N THR A 49 6.45 -5.75 -25.56
CA THR A 49 7.01 -4.67 -24.77
C THR A 49 7.82 -5.20 -23.58
N ASN A 50 8.61 -4.30 -23.00
CA ASN A 50 9.35 -4.45 -21.77
C ASN A 50 8.86 -3.31 -20.91
N VAL A 51 8.39 -3.64 -19.71
CA VAL A 51 7.80 -2.71 -18.75
C VAL A 51 8.84 -2.39 -17.67
N TYR A 52 9.07 -1.07 -17.46
CA TYR A 52 10.05 -0.53 -16.51
C TYR A 52 9.40 0.46 -15.62
N GLU A 53 9.98 0.61 -14.44
CA GLU A 53 9.63 1.70 -13.54
C GLU A 53 10.43 2.90 -14.13
N GLY A 54 9.90 4.11 -13.98
CA GLY A 54 10.60 5.29 -14.44
C GLY A 54 10.23 6.56 -13.73
N ARG A 55 10.83 7.69 -14.18
CA ARG A 55 10.54 9.02 -13.63
C ARG A 55 10.22 9.98 -14.76
N LEU A 56 9.23 10.86 -14.54
CA LEU A 56 8.78 11.86 -15.51
C LEU A 56 8.88 13.25 -14.90
N ARG A 57 9.71 14.15 -15.52
CA ARG A 57 9.93 15.52 -15.07
C ARG A 57 8.93 16.44 -15.73
N LEU A 85 7.52 12.80 -11.23
CA LEU A 85 6.52 11.77 -10.96
C LEU A 85 7.06 10.38 -11.25
N ARG A 86 6.73 9.41 -10.37
CA ARG A 86 7.10 8.01 -10.62
C ARG A 86 6.07 7.52 -11.64
N VAL A 87 6.55 6.82 -12.67
CA VAL A 87 5.72 6.34 -13.79
C VAL A 87 6.13 4.94 -14.16
N VAL A 88 5.42 4.39 -15.15
CA VAL A 88 5.73 3.10 -15.74
C VAL A 88 5.95 3.35 -17.25
N LEU A 89 7.06 2.85 -17.76
CA LEU A 89 7.46 2.96 -19.15
C LEU A 89 7.24 1.65 -19.86
N LYS A 90 6.42 1.69 -20.93
CA LYS A 90 6.13 0.52 -21.76
C LYS A 90 6.91 0.70 -23.05
N VAL A 91 8.06 0.02 -23.08
CA VAL A 91 9.03 0.10 -24.16
C VAL A 91 8.67 -0.91 -25.26
N LEU A 92 8.16 -0.40 -26.40
CA LEU A 92 7.82 -1.25 -27.55
C LEU A 92 9.08 -1.83 -28.18
N ASP A 93 9.05 -3.12 -28.49
CA ASP A 93 10.12 -3.83 -29.18
C ASP A 93 10.37 -3.16 -30.55
N PRO A 94 11.55 -3.32 -31.20
CA PRO A 94 11.69 -2.81 -32.58
C PRO A 94 10.53 -3.39 -33.39
N SER A 95 9.70 -2.52 -33.97
CA SER A 95 8.47 -2.93 -34.65
C SER A 95 8.23 -2.26 -35.97
N HIS A 96 7.39 -2.93 -36.78
CA HIS A 96 6.84 -2.52 -38.05
C HIS A 96 5.84 -1.39 -37.74
N HIS A 97 5.56 -0.53 -38.76
CA HIS A 97 4.65 0.61 -38.64
C HIS A 97 3.23 0.23 -38.21
N ASP A 98 2.70 -0.96 -38.62
CA ASP A 98 1.37 -1.46 -38.23
C ASP A 98 1.29 -1.70 -36.72
N ILE A 99 2.38 -2.20 -36.12
CA ILE A 99 2.50 -2.46 -34.68
C ILE A 99 2.58 -1.15 -33.92
N ALA A 100 3.47 -0.24 -34.36
CA ALA A 100 3.65 1.09 -33.76
C ALA A 100 2.36 1.87 -33.78
N LEU A 101 1.63 1.81 -34.89
CA LEU A 101 0.35 2.49 -35.10
C LEU A 101 -0.74 1.98 -34.16
N ALA A 102 -0.76 0.65 -33.90
CA ALA A 102 -1.70 -0.01 -32.98
C ALA A 102 -1.39 0.36 -31.50
N PHE A 103 -0.11 0.62 -31.19
CA PHE A 103 0.41 1.11 -29.91
C PHE A 103 -0.01 2.59 -29.75
N TYR A 104 0.02 3.39 -30.86
CA TYR A 104 -0.42 4.80 -30.82
C TYR A 104 -1.92 4.86 -30.62
N GLU A 105 -2.69 4.01 -31.29
CA GLU A 105 -4.16 3.91 -31.14
C GLU A 105 -4.56 3.70 -29.66
N THR A 106 -3.80 2.84 -28.93
CA THR A 106 -3.98 2.56 -27.51
C THR A 106 -3.69 3.82 -26.68
N ALA A 107 -2.56 4.51 -26.96
CA ALA A 107 -2.22 5.73 -26.25
C ALA A 107 -3.31 6.81 -26.46
N SER A 108 -3.82 6.91 -27.70
CA SER A 108 -4.85 7.83 -28.13
C SER A 108 -6.17 7.57 -27.39
N LEU A 109 -6.64 6.30 -27.37
CA LEU A 109 -7.84 5.81 -26.67
C LEU A 109 -7.75 6.09 -25.15
N MET A 110 -6.60 5.80 -24.54
CA MET A 110 -6.39 5.98 -23.11
C MET A 110 -6.20 7.44 -22.70
N SER A 111 -5.77 8.29 -23.65
CA SER A 111 -5.62 9.72 -23.40
C SER A 111 -6.99 10.45 -23.47
N GLN A 112 -7.95 9.88 -24.20
CA GLN A 112 -9.31 10.43 -24.36
C GLN A 112 -10.28 9.94 -23.28
N VAL A 113 -9.83 9.11 -22.34
CA VAL A 113 -10.69 8.56 -21.28
C VAL A 113 -10.27 9.05 -19.89
N SER A 114 -11.25 9.12 -18.96
CA SER A 114 -11.04 9.49 -17.57
C SER A 114 -12.06 8.75 -16.72
N HIS A 115 -11.56 7.87 -15.84
CA HIS A 115 -12.34 7.04 -14.93
C HIS A 115 -11.42 6.64 -13.78
N THR A 116 -11.97 6.54 -12.56
CA THR A 116 -11.19 6.22 -11.36
C THR A 116 -10.57 4.82 -11.40
N HIS A 117 -11.20 3.89 -12.15
CA HIS A 117 -10.72 2.52 -12.28
C HIS A 117 -9.98 2.27 -13.61
N LEU A 118 -9.50 3.32 -14.24
CA LEU A 118 -8.72 3.22 -15.46
C LEU A 118 -7.41 3.89 -15.20
N ALA A 119 -6.27 3.21 -15.50
CA ALA A 119 -4.95 3.78 -15.30
C ALA A 119 -4.71 4.89 -16.34
N PHE A 120 -4.01 5.94 -15.90
CA PHE A 120 -3.68 7.13 -16.66
C PHE A 120 -2.50 6.91 -17.63
N VAL A 121 -2.59 7.52 -18.83
CA VAL A 121 -1.54 7.55 -19.85
C VAL A 121 -1.07 9.01 -19.94
N HIS A 122 0.21 9.24 -19.68
CA HIS A 122 0.86 10.55 -19.71
C HIS A 122 1.20 10.97 -21.14
N GLY A 123 1.42 9.99 -22.01
CA GLY A 123 1.74 10.22 -23.41
C GLY A 123 2.68 9.20 -23.99
N VAL A 124 3.33 9.55 -25.12
CA VAL A 124 4.25 8.69 -25.86
C VAL A 124 5.56 9.40 -26.19
N CYS A 125 6.67 8.69 -26.07
CA CYS A 125 8.01 9.16 -26.44
C CYS A 125 8.49 8.43 -27.70
N VAL A 126 8.64 9.20 -28.79
CA VAL A 126 9.09 8.70 -30.10
C VAL A 126 10.33 9.49 -30.57
N PRO A 129 13.69 5.00 -33.22
CA PRO A 129 13.16 3.64 -33.39
C PRO A 129 12.46 3.10 -32.14
N GLU A 130 12.47 3.89 -31.04
CA GLU A 130 11.90 3.51 -29.75
C GLU A 130 10.54 4.19 -29.51
N ASN A 131 9.49 3.38 -29.28
CA ASN A 131 8.15 3.87 -28.95
C ASN A 131 7.89 3.58 -27.45
N ILE A 132 7.85 4.64 -26.62
CA ILE A 132 7.66 4.46 -25.18
C ILE A 132 6.37 5.06 -24.66
N MET A 133 5.43 4.20 -24.18
CA MET A 133 4.19 4.69 -23.58
C MET A 133 4.51 4.98 -22.13
N VAL A 134 4.24 6.22 -21.71
CA VAL A 134 4.51 6.71 -20.36
C VAL A 134 3.18 6.63 -19.62
N THR A 135 3.09 5.73 -18.63
CA THR A 135 1.83 5.49 -17.93
C THR A 135 1.93 5.64 -16.42
N GLU A 136 0.75 5.62 -15.77
CA GLU A 136 0.58 5.68 -14.32
C GLU A 136 1.24 4.48 -13.63
N TYR A 137 1.99 4.75 -12.53
CA TYR A 137 2.60 3.71 -11.68
C TYR A 137 1.57 3.46 -10.56
N VAL A 138 1.14 2.20 -10.44
CA VAL A 138 0.14 1.73 -9.48
C VAL A 138 0.92 0.89 -8.46
N GLU A 139 0.86 1.34 -7.19
CA GLU A 139 1.58 0.86 -6.00
C GLU A 139 1.88 -0.64 -5.91
N HIS A 140 0.88 -1.53 -5.99
CA HIS A 140 1.07 -2.96 -5.72
C HIS A 140 1.11 -3.86 -6.95
N GLY A 141 0.92 -3.26 -8.12
CA GLY A 141 1.07 -3.96 -9.38
C GLY A 141 -0.03 -4.91 -9.74
N PRO A 142 0.32 -5.88 -10.63
CA PRO A 142 -0.68 -6.83 -11.19
C PRO A 142 -1.44 -7.70 -10.18
N LEU A 143 -2.76 -7.80 -10.40
CA LEU A 143 -3.67 -8.57 -9.57
C LEU A 143 -3.37 -10.06 -9.54
N ASP A 144 -3.09 -10.67 -10.70
CA ASP A 144 -2.86 -12.11 -10.82
C ASP A 144 -1.66 -12.58 -9.97
N VAL A 145 -0.59 -11.78 -9.96
CA VAL A 145 0.65 -12.00 -9.21
C VAL A 145 0.34 -11.96 -7.69
N TRP A 146 -0.45 -10.97 -7.28
CA TRP A 146 -0.87 -10.81 -5.90
C TRP A 146 -1.76 -11.96 -5.44
N LEU A 147 -2.74 -12.37 -6.29
CA LEU A 147 -3.66 -13.48 -6.00
C LEU A 147 -2.90 -14.80 -5.79
N ARG A 148 -1.85 -15.03 -6.59
CA ARG A 148 -1.05 -16.26 -6.47
C ARG A 148 -0.23 -16.26 -5.17
N ARG A 149 0.24 -15.08 -4.73
CA ARG A 149 0.99 -14.88 -3.48
C ARG A 149 0.09 -15.10 -2.24
N GLU A 150 -1.19 -14.70 -2.33
CA GLU A 150 -2.17 -14.75 -1.24
C GLU A 150 -3.20 -15.89 -1.42
N ARG A 151 -2.88 -16.94 -2.24
CA ARG A 151 -3.77 -18.09 -2.53
C ARG A 151 -4.30 -18.74 -1.28
N GLY A 152 -5.61 -18.95 -1.25
CA GLY A 152 -6.33 -19.55 -0.15
C GLY A 152 -6.73 -18.58 0.93
N HIS A 153 -6.22 -17.34 0.89
CA HIS A 153 -6.45 -16.33 1.92
C HIS A 153 -7.13 -15.06 1.39
N VAL A 154 -7.80 -15.16 0.25
CA VAL A 154 -8.51 -14.02 -0.34
C VAL A 154 -10.04 -14.20 -0.14
N PRO A 155 -10.66 -13.36 0.71
CA PRO A 155 -12.11 -13.46 0.94
C PRO A 155 -12.95 -13.20 -0.32
N MET A 156 -14.12 -13.85 -0.36
CA MET A 156 -15.08 -13.71 -1.45
C MET A 156 -15.62 -12.28 -1.57
N ALA A 157 -15.78 -11.57 -0.43
CA ALA A 157 -16.27 -10.20 -0.38
C ALA A 157 -15.27 -9.23 -1.04
N TRP A 158 -13.95 -9.53 -0.93
CA TRP A 158 -12.84 -8.79 -1.52
C TRP A 158 -12.93 -8.92 -3.08
N LYS A 159 -13.12 -10.16 -3.56
CA LYS A 159 -13.26 -10.53 -4.98
C LYS A 159 -14.43 -9.83 -5.63
N MET A 160 -15.54 -9.67 -4.88
CA MET A 160 -16.76 -8.99 -5.32
C MET A 160 -16.54 -7.49 -5.51
N VAL A 161 -15.75 -6.86 -4.61
CA VAL A 161 -15.37 -5.44 -4.74
C VAL A 161 -14.60 -5.23 -6.08
N VAL A 162 -13.55 -6.05 -6.34
CA VAL A 162 -12.73 -6.00 -7.57
C VAL A 162 -13.58 -6.14 -8.82
N ALA A 163 -14.52 -7.13 -8.81
CA ALA A 163 -15.45 -7.44 -9.90
C ALA A 163 -16.33 -6.24 -10.23
N GLN A 164 -16.86 -5.55 -9.18
CA GLN A 164 -17.71 -4.35 -9.29
C GLN A 164 -16.90 -3.21 -9.86
N GLN A 165 -15.66 -3.02 -9.37
CA GLN A 165 -14.78 -1.94 -9.85
C GLN A 165 -14.38 -2.17 -11.30
N LEU A 166 -14.19 -3.45 -11.70
CA LEU A 166 -13.85 -3.80 -13.08
C LEU A 166 -15.05 -3.58 -14.03
N ALA A 167 -16.26 -4.03 -13.62
CA ALA A 167 -17.50 -3.86 -14.39
C ALA A 167 -17.83 -2.36 -14.55
N SER A 168 -17.57 -1.55 -13.51
CA SER A 168 -17.75 -0.11 -13.50
C SER A 168 -16.87 0.55 -14.59
N ALA A 169 -15.57 0.18 -14.66
CA ALA A 169 -14.65 0.70 -15.67
C ALA A 169 -15.06 0.27 -17.08
N LEU A 170 -15.54 -0.99 -17.22
CA LEU A 170 -15.92 -1.53 -18.52
C LEU A 170 -17.29 -1.01 -19.00
N SER A 171 -18.20 -0.67 -18.06
CA SER A 171 -19.51 -0.06 -18.31
C SER A 171 -19.28 1.35 -18.89
N TYR A 172 -18.32 2.09 -18.33
CA TYR A 172 -17.93 3.41 -18.79
C TYR A 172 -17.42 3.33 -20.26
N LEU A 173 -16.57 2.32 -20.58
CA LEU A 173 -16.03 2.11 -21.92
C LEU A 173 -17.15 1.72 -22.89
N GLU A 174 -18.10 0.86 -22.43
CA GLU A 174 -19.27 0.41 -23.19
C GLU A 174 -20.17 1.59 -23.62
N ASN A 175 -20.49 2.51 -22.67
CA ASN A 175 -21.32 3.69 -22.89
C ASN A 175 -20.71 4.62 -23.92
N LYS A 176 -19.37 4.67 -23.98
CA LYS A 176 -18.61 5.47 -24.94
C LYS A 176 -18.30 4.65 -26.20
N ASN A 177 -18.84 3.42 -26.31
CA ASN A 177 -18.63 2.49 -27.44
C ASN A 177 -17.12 2.34 -27.77
N LEU A 178 -16.32 2.12 -26.72
CA LEU A 178 -14.88 1.94 -26.79
C LEU A 178 -14.54 0.54 -26.40
N VAL A 179 -13.59 -0.08 -27.09
CA VAL A 179 -13.18 -1.46 -26.82
C VAL A 179 -11.80 -1.49 -26.15
N HIS A 180 -11.69 -2.23 -25.04
CA HIS A 180 -10.41 -2.43 -24.35
C HIS A 180 -9.66 -3.54 -25.12
N GLY A 181 -10.22 -4.76 -25.18
CA GLY A 181 -9.64 -5.88 -25.95
C GLY A 181 -8.54 -6.68 -25.28
N ASN A 182 -8.22 -6.38 -23.99
CA ASN A 182 -7.22 -7.08 -23.21
C ASN A 182 -7.55 -7.11 -21.71
N VAL A 183 -8.77 -7.50 -21.37
CA VAL A 183 -9.19 -7.62 -19.97
C VAL A 183 -8.67 -8.95 -19.40
N CYS A 184 -7.74 -8.89 -18.43
CA CYS A 184 -7.16 -10.05 -17.75
C CYS A 184 -6.58 -9.57 -16.45
N GLY A 185 -6.39 -10.47 -15.50
CA GLY A 185 -5.86 -10.20 -14.17
C GLY A 185 -4.55 -9.47 -14.17
N ARG A 186 -3.68 -9.78 -15.16
CA ARG A 186 -2.39 -9.14 -15.37
C ARG A 186 -2.54 -7.62 -15.62
N ASN A 187 -3.61 -7.20 -16.30
CA ASN A 187 -3.92 -5.79 -16.61
C ASN A 187 -4.75 -5.11 -15.54
N ILE A 188 -5.02 -5.81 -14.46
CA ILE A 188 -5.71 -5.22 -13.33
C ILE A 188 -4.62 -4.89 -12.31
N LEU A 189 -4.51 -3.60 -11.95
CA LEU A 189 -3.48 -3.17 -11.03
C LEU A 189 -4.10 -2.73 -9.70
N LEU A 190 -3.44 -3.09 -8.59
CA LEU A 190 -3.95 -2.73 -7.27
C LEU A 190 -3.31 -1.48 -6.71
N ALA A 191 -4.10 -0.39 -6.62
CA ALA A 191 -3.66 0.87 -6.03
C ALA A 191 -3.68 0.71 -4.50
N ARG A 192 -4.65 -0.08 -3.98
CA ARG A 192 -4.86 -0.40 -2.55
C ARG A 192 -5.17 -1.88 -2.42
N LEU A 193 -4.65 -2.50 -1.35
CA LEU A 193 -4.88 -3.92 -1.11
C LEU A 193 -6.14 -4.23 -0.32
N GLY A 194 -6.64 -3.33 0.49
CA GLY A 194 -7.83 -3.66 1.28
C GLY A 194 -7.61 -4.83 2.22
N LEU A 195 -6.43 -4.87 2.87
CA LEU A 195 -6.01 -5.90 3.84
C LEU A 195 -6.42 -5.56 5.30
N ALA A 196 -6.37 -4.30 5.69
CA ALA A 196 -6.75 -3.85 7.03
C ALA A 196 -8.29 -3.89 7.20
N GLU A 197 -8.77 -3.98 8.44
CA GLU A 197 -10.20 -4.06 8.74
C GLU A 197 -10.94 -2.81 8.30
N GLY A 198 -12.01 -3.01 7.55
CA GLY A 198 -12.81 -1.89 7.08
C GLY A 198 -12.17 -1.15 5.93
N THR A 199 -11.25 -1.84 5.21
CA THR A 199 -10.63 -1.31 4.00
C THR A 199 -10.93 -2.30 2.88
N SER A 200 -11.25 -1.76 1.72
CA SER A 200 -11.52 -2.61 0.57
C SER A 200 -10.42 -2.43 -0.52
N PRO A 201 -10.23 -3.35 -1.50
CA PRO A 201 -9.21 -3.07 -2.54
C PRO A 201 -9.61 -1.92 -3.48
N PHE A 202 -8.63 -1.39 -4.21
CA PHE A 202 -8.86 -0.38 -5.21
C PHE A 202 -8.05 -0.73 -6.42
N ILE A 203 -8.73 -1.01 -7.54
CA ILE A 203 -8.10 -1.40 -8.79
C ILE A 203 -8.10 -0.31 -9.85
N LYS A 204 -7.12 -0.41 -10.76
CA LYS A 204 -6.98 0.42 -11.95
C LYS A 204 -6.72 -0.53 -13.13
N LEU A 205 -7.63 -0.55 -14.13
CA LEU A 205 -7.49 -1.33 -15.35
C LEU A 205 -6.44 -0.63 -16.20
N SER A 206 -5.39 -1.36 -16.57
CA SER A 206 -4.28 -0.85 -17.38
C SER A 206 -4.74 -0.61 -18.82
N ASP A 207 -3.90 0.08 -19.62
CA ASP A 207 -4.13 0.25 -21.05
C ASP A 207 -4.02 -1.17 -21.66
N PRO A 208 -4.67 -1.43 -22.82
CA PRO A 208 -4.56 -2.78 -23.41
C PRO A 208 -3.23 -3.13 -24.11
N GLY A 209 -2.28 -2.19 -24.22
CA GLY A 209 -1.01 -2.43 -24.92
C GLY A 209 -1.19 -2.38 -26.43
N VAL A 210 -0.38 -3.13 -27.20
CA VAL A 210 -0.57 -3.18 -28.66
C VAL A 210 -1.98 -3.74 -28.95
N GLY A 211 -2.78 -2.95 -29.65
CA GLY A 211 -4.16 -3.33 -30.02
C GLY A 211 -4.24 -4.71 -30.64
N LEU A 212 -5.26 -5.49 -30.22
CA LEU A 212 -5.51 -6.87 -30.65
C LEU A 212 -5.42 -7.12 -32.17
N GLY A 213 -5.97 -6.21 -32.97
CA GLY A 213 -6.02 -6.28 -34.42
C GLY A 213 -4.67 -6.39 -35.11
N ALA A 214 -3.60 -5.96 -34.44
CA ALA A 214 -2.24 -6.00 -34.99
C ALA A 214 -1.48 -7.28 -34.66
N LEU A 215 -2.02 -8.09 -33.75
CA LEU A 215 -1.35 -9.29 -33.28
C LEU A 215 -1.51 -10.50 -34.20
N SER A 216 -0.50 -11.39 -34.19
CA SER A 216 -0.45 -12.65 -34.96
C SER A 216 -1.38 -13.69 -34.31
N ARG A 217 -1.77 -14.73 -35.07
CA ARG A 217 -2.63 -15.81 -34.57
C ARG A 217 -2.04 -16.48 -33.34
N GLU A 218 -0.70 -16.69 -33.34
CA GLU A 218 0.09 -17.29 -32.27
C GLU A 218 -0.09 -16.52 -30.95
N GLU A 219 -0.10 -15.17 -31.03
CA GLU A 219 -0.31 -14.28 -29.89
C GLU A 219 -1.76 -14.27 -29.45
N ARG A 220 -2.70 -14.42 -30.39
CA ARG A 220 -4.14 -14.50 -30.05
C ARG A 220 -4.43 -15.84 -29.35
N VAL A 221 -3.76 -16.92 -29.80
CA VAL A 221 -3.89 -18.25 -29.18
C VAL A 221 -3.33 -18.21 -27.73
N GLU A 222 -2.22 -17.49 -27.48
CA GLU A 222 -1.61 -17.30 -26.16
C GLU A 222 -2.56 -16.57 -25.21
N ARG A 223 -3.47 -15.77 -25.74
CA ARG A 223 -4.40 -14.95 -24.97
C ARG A 223 -5.64 -15.72 -24.48
N ILE A 224 -5.80 -16.99 -24.94
CA ILE A 224 -6.85 -17.92 -24.51
C ILE A 224 -6.56 -18.30 -23.03
N PRO A 225 -7.55 -18.27 -22.11
CA PRO A 225 -9.00 -18.12 -22.30
C PRO A 225 -9.59 -16.71 -22.25
N TRP A 226 -8.77 -15.65 -22.13
CA TRP A 226 -9.26 -14.28 -22.04
C TRP A 226 -9.80 -13.74 -23.37
N LEU A 227 -9.13 -14.13 -24.46
CA LEU A 227 -9.49 -13.76 -25.83
C LEU A 227 -10.89 -14.26 -26.19
N ALA A 228 -11.78 -13.38 -26.70
CA ALA A 228 -13.13 -13.77 -27.12
C ALA A 228 -13.02 -14.74 -28.33
N PRO A 229 -13.80 -15.85 -28.38
CA PRO A 229 -13.60 -16.84 -29.47
C PRO A 229 -13.76 -16.32 -30.90
N GLU A 230 -14.62 -15.28 -31.10
CA GLU A 230 -14.86 -14.62 -32.39
C GLU A 230 -13.61 -13.85 -32.88
N CYS A 231 -12.63 -13.59 -31.99
CA CYS A 231 -11.36 -12.91 -32.28
C CYS A 231 -10.27 -13.88 -32.70
N LEU A 232 -10.47 -15.20 -32.53
CA LEU A 232 -9.44 -16.16 -32.93
C LEU A 232 -9.25 -16.14 -34.45
N PRO A 233 -10.31 -16.18 -35.33
CA PRO A 233 -10.03 -16.14 -36.77
C PRO A 233 -9.89 -14.72 -37.30
N SER A 240 -15.72 -5.43 -31.73
CA SER A 240 -16.93 -5.18 -30.95
C SER A 240 -16.69 -5.13 -29.43
N THR A 241 -17.59 -4.38 -28.72
CA THR A 241 -17.60 -4.22 -27.25
C THR A 241 -17.90 -5.57 -26.57
N ALA A 242 -18.55 -6.48 -27.32
CA ALA A 242 -18.91 -7.83 -26.91
C ALA A 242 -17.70 -8.67 -26.47
N MET A 243 -16.52 -8.45 -27.06
CA MET A 243 -15.29 -9.19 -26.70
C MET A 243 -14.84 -8.94 -25.23
N ASP A 244 -15.15 -7.76 -24.66
CA ASP A 244 -14.79 -7.37 -23.29
C ASP A 244 -15.66 -8.05 -22.24
N LYS A 245 -16.83 -8.54 -22.64
CA LYS A 245 -17.75 -9.28 -21.78
C LYS A 245 -17.13 -10.66 -21.54
N TRP A 246 -16.57 -11.30 -22.61
CA TRP A 246 -15.86 -12.58 -22.51
C TRP A 246 -14.57 -12.38 -21.64
N GLY A 247 -13.79 -11.34 -21.93
CA GLY A 247 -12.58 -10.98 -21.20
C GLY A 247 -12.86 -10.83 -19.72
N PHE A 248 -13.95 -10.11 -19.38
CA PHE A 248 -14.44 -9.89 -18.03
C PHE A 248 -14.82 -11.21 -17.35
N GLY A 249 -15.59 -12.06 -18.05
CA GLY A 249 -15.99 -13.38 -17.58
C GLY A 249 -14.80 -14.26 -17.27
N ALA A 250 -13.83 -14.39 -18.20
CA ALA A 250 -12.61 -15.20 -17.99
C ALA A 250 -11.77 -14.65 -16.81
N THR A 251 -11.75 -13.30 -16.63
CA THR A 251 -11.05 -12.61 -15.54
C THR A 251 -11.68 -12.93 -14.20
N LEU A 252 -13.02 -13.08 -14.17
CA LEU A 252 -13.76 -13.47 -12.97
C LEU A 252 -13.38 -14.89 -12.57
N LEU A 253 -13.25 -15.81 -13.54
CA LEU A 253 -12.80 -17.18 -13.24
C LEU A 253 -11.40 -17.14 -12.61
N GLU A 254 -10.47 -16.41 -13.24
CA GLU A 254 -9.09 -16.20 -12.79
C GLU A 254 -9.07 -15.65 -11.34
N ILE A 255 -9.96 -14.68 -11.02
CA ILE A 255 -10.03 -14.11 -9.68
C ILE A 255 -10.54 -15.14 -8.68
N CYS A 256 -11.63 -15.86 -9.03
CA CYS A 256 -12.19 -16.93 -8.19
C CYS A 256 -11.15 -18.01 -7.95
N PHE A 257 -10.34 -18.34 -8.96
CA PHE A 257 -9.34 -19.39 -8.83
C PHE A 257 -7.97 -18.90 -8.31
N ASP A 258 -7.93 -17.73 -7.64
CA ASP A 258 -6.74 -17.10 -7.04
C ASP A 258 -5.56 -16.91 -8.03
N GLY A 259 -5.87 -16.30 -9.18
CA GLY A 259 -4.87 -15.99 -10.21
C GLY A 259 -4.43 -17.19 -11.03
N GLU A 260 -5.19 -18.28 -10.99
CA GLU A 260 -4.94 -19.49 -11.76
C GLU A 260 -6.03 -19.61 -12.82
N ALA A 261 -5.79 -19.10 -14.02
CA ALA A 261 -6.80 -19.16 -15.07
C ALA A 261 -6.89 -20.56 -15.67
N PRO A 262 -8.09 -20.99 -16.14
CA PRO A 262 -8.20 -22.31 -16.81
C PRO A 262 -7.40 -22.30 -18.11
N LEU A 263 -6.96 -23.50 -18.55
CA LEU A 263 -6.20 -23.75 -19.79
C LEU A 263 -4.78 -23.19 -19.77
N GLN A 264 -4.33 -22.57 -18.65
CA GLN A 264 -2.98 -22.00 -18.52
C GLN A 264 -1.87 -23.07 -18.64
N SER A 265 -2.16 -24.34 -18.29
CA SER A 265 -1.19 -25.44 -18.44
C SER A 265 -1.32 -26.11 -19.83
N ARG A 266 -2.43 -25.83 -20.56
CA ARG A 266 -2.73 -26.38 -21.89
C ARG A 266 -1.87 -25.72 -22.98
N SER A 267 -1.41 -26.54 -23.95
CA SER A 267 -0.60 -26.16 -25.11
C SER A 267 -1.39 -25.26 -26.10
N PRO A 268 -0.72 -24.57 -27.06
CA PRO A 268 -1.49 -23.75 -28.02
C PRO A 268 -2.50 -24.55 -28.85
N SER A 269 -2.13 -25.79 -29.29
CA SER A 269 -3.01 -26.70 -30.06
C SER A 269 -4.26 -27.06 -29.25
N GLU A 270 -4.06 -27.36 -27.94
CA GLU A 270 -5.12 -27.71 -26.97
C GLU A 270 -6.07 -26.52 -26.74
N LYS A 271 -5.50 -25.30 -26.54
CA LYS A 271 -6.25 -24.04 -26.35
C LYS A 271 -7.10 -23.74 -27.58
N GLU A 272 -6.50 -23.84 -28.79
CA GLU A 272 -7.17 -23.63 -30.07
C GLU A 272 -8.28 -24.68 -30.31
N HIS A 273 -7.98 -25.99 -30.01
CA HIS A 273 -8.97 -27.09 -30.11
C HIS A 273 -10.15 -26.89 -29.16
N PHE A 274 -9.87 -26.34 -27.94
CA PHE A 274 -10.90 -26.05 -26.94
C PHE A 274 -11.91 -25.05 -27.51
N TYR A 275 -11.42 -23.96 -28.16
CA TYR A 275 -12.26 -22.94 -28.82
C TYR A 275 -12.92 -23.46 -30.10
N GLN A 276 -12.16 -24.24 -30.92
CA GLN A 276 -12.63 -24.85 -32.19
C GLN A 276 -13.78 -25.84 -31.95
N ARG A 277 -13.70 -26.66 -30.86
CA ARG A 277 -14.76 -27.60 -30.48
C ARG A 277 -15.90 -26.93 -29.72
N GLN A 278 -15.78 -25.60 -29.42
CA GLN A 278 -16.75 -24.75 -28.72
C GLN A 278 -17.00 -25.18 -27.25
N HIS A 279 -15.97 -25.82 -26.64
CA HIS A 279 -15.99 -26.24 -25.23
C HIS A 279 -16.15 -25.03 -24.32
N ARG A 280 -16.91 -25.21 -23.25
CA ARG A 280 -17.14 -24.10 -22.35
C ARG A 280 -16.21 -24.19 -21.12
N LEU A 281 -15.84 -23.03 -20.59
CA LEU A 281 -14.93 -22.93 -19.45
C LEU A 281 -15.60 -23.39 -18.15
N PRO A 282 -14.84 -23.84 -17.12
CA PRO A 282 -15.48 -24.30 -15.87
C PRO A 282 -16.32 -23.27 -15.13
N GLU A 283 -17.11 -23.75 -14.15
CA GLU A 283 -17.92 -22.88 -13.31
C GLU A 283 -16.98 -22.38 -12.17
N PRO A 284 -17.13 -21.12 -11.71
CA PRO A 284 -16.24 -20.61 -10.65
C PRO A 284 -16.33 -21.32 -9.30
N LEU A 289 -21.23 -16.03 -8.50
CA LEU A 289 -20.76 -15.52 -9.79
C LEU A 289 -20.94 -16.50 -10.97
N ALA A 290 -21.37 -17.75 -10.69
CA ALA A 290 -21.56 -18.82 -11.67
C ALA A 290 -22.50 -18.50 -12.82
N THR A 291 -23.63 -17.80 -12.53
CA THR A 291 -24.61 -17.41 -13.55
C THR A 291 -24.00 -16.34 -14.44
N LEU A 292 -23.46 -15.28 -13.81
CA LEU A 292 -22.80 -14.14 -14.45
C LEU A 292 -21.68 -14.58 -15.41
N THR A 293 -20.74 -15.46 -14.95
CA THR A 293 -19.65 -15.94 -15.80
C THR A 293 -20.16 -16.78 -16.97
N SER A 294 -21.14 -17.67 -16.72
CA SER A 294 -21.75 -18.54 -17.72
C SER A 294 -22.41 -17.73 -18.84
N GLN A 295 -23.03 -16.58 -18.48
CA GLN A 295 -23.69 -15.65 -19.40
C GLN A 295 -22.65 -14.92 -20.26
N CYS A 296 -21.53 -14.48 -19.62
CA CYS A 296 -20.44 -13.75 -20.28
C CYS A 296 -19.62 -14.66 -21.18
N LEU A 297 -19.42 -15.91 -20.76
CA LEU A 297 -18.58 -16.84 -21.49
C LEU A 297 -19.39 -17.68 -22.51
N THR A 298 -20.31 -17.01 -23.23
CA THR A 298 -21.02 -17.64 -24.33
C THR A 298 -20.35 -17.28 -25.66
N TYR A 299 -20.27 -18.29 -26.54
CA TYR A 299 -19.68 -18.16 -27.88
C TYR A 299 -20.44 -17.19 -28.79
N GLU A 300 -21.75 -16.96 -28.52
CA GLU A 300 -22.58 -16.00 -29.26
C GLU A 300 -22.43 -14.63 -28.63
N PRO A 301 -21.68 -13.72 -29.31
CA PRO A 301 -21.43 -12.38 -28.74
C PRO A 301 -22.65 -11.55 -28.36
N THR A 302 -23.73 -11.68 -29.14
CA THR A 302 -25.00 -10.96 -28.96
C THR A 302 -25.75 -11.42 -27.70
N GLN A 303 -25.57 -12.70 -27.30
CA GLN A 303 -26.15 -13.34 -26.12
C GLN A 303 -25.52 -12.89 -24.78
N ARG A 304 -24.31 -12.26 -24.82
CA ARG A 304 -23.60 -11.78 -23.63
C ARG A 304 -24.32 -10.55 -23.03
N PRO A 305 -24.50 -10.50 -21.67
CA PRO A 305 -25.19 -9.35 -21.07
C PRO A 305 -24.39 -8.05 -21.17
N SER A 306 -25.07 -6.90 -21.05
CA SER A 306 -24.39 -5.61 -21.12
C SER A 306 -23.75 -5.34 -19.77
N PHE A 307 -22.79 -4.38 -19.68
CA PHE A 307 -22.16 -4.04 -18.40
C PHE A 307 -23.11 -3.28 -17.48
N ARG A 308 -24.19 -2.67 -18.01
CA ARG A 308 -25.22 -2.00 -17.18
C ARG A 308 -25.95 -3.11 -16.40
N THR A 309 -26.25 -4.24 -17.07
CA THR A 309 -26.88 -5.41 -16.48
C THR A 309 -25.93 -6.04 -15.44
N ILE A 310 -24.64 -6.30 -15.85
CA ILE A 310 -23.59 -6.87 -15.01
C ILE A 310 -23.36 -6.03 -13.76
N LEU A 311 -23.19 -4.70 -13.91
CA LEU A 311 -22.97 -3.75 -12.81
C LEU A 311 -24.17 -3.69 -11.87
N ARG A 312 -25.40 -3.64 -12.40
CA ARG A 312 -26.64 -3.63 -11.61
C ARG A 312 -26.74 -4.94 -10.79
N ASP A 313 -26.46 -6.09 -11.44
CA ASP A 313 -26.46 -7.41 -10.79
C ASP A 313 -25.31 -7.54 -9.80
N SER B 28 -1.92 -8.23 32.20
CA SER B 28 -3.22 -8.55 31.61
C SER B 28 -3.31 -8.20 30.12
N PHE B 29 -2.97 -9.19 29.31
CA PHE B 29 -3.04 -9.19 27.85
C PHE B 29 -3.49 -10.61 27.48
N HIS B 30 -4.01 -10.81 26.27
CA HIS B 30 -4.41 -12.15 25.83
C HIS B 30 -3.18 -12.98 25.40
N ARG B 31 -3.20 -14.29 25.68
CA ARG B 31 -2.14 -15.20 25.22
C ARG B 31 -2.59 -15.75 23.88
N VAL B 32 -1.73 -15.72 22.89
CA VAL B 32 -2.05 -16.20 21.54
C VAL B 32 -1.19 -17.45 21.33
N ASP B 33 -1.80 -18.56 20.87
CA ASP B 33 -1.06 -19.76 20.56
C ASP B 33 -0.37 -19.56 19.19
N GLN B 34 0.82 -20.17 19.00
CA GLN B 34 1.51 -20.06 17.71
C GLN B 34 0.72 -20.71 16.55
N LYS B 35 -0.28 -21.53 16.86
CA LYS B 35 -1.16 -22.19 15.87
C LYS B 35 -2.14 -21.19 15.26
N GLU B 36 -2.41 -20.07 15.93
CA GLU B 36 -3.35 -19.05 15.45
C GLU B 36 -2.67 -18.01 14.53
N ILE B 37 -1.32 -17.98 14.49
CA ILE B 37 -0.59 -16.99 13.70
C ILE B 37 0.26 -17.59 12.57
N THR B 38 0.31 -16.86 11.45
CA THR B 38 1.13 -17.17 10.29
C THR B 38 2.03 -15.97 10.10
N GLN B 39 3.35 -16.22 10.07
CA GLN B 39 4.33 -15.17 9.91
C GLN B 39 4.63 -15.00 8.43
N LEU B 40 4.50 -13.75 7.97
CA LEU B 40 4.74 -13.39 6.58
C LEU B 40 6.02 -12.53 6.46
N SER B 41 6.07 -11.69 5.44
CA SER B 41 7.20 -10.83 5.10
C SER B 41 7.66 -9.92 6.22
N HIS B 42 8.97 -9.68 6.26
CA HIS B 42 9.66 -8.78 7.15
C HIS B 42 9.31 -7.36 6.72
N LEU B 43 8.91 -6.51 7.66
CA LEU B 43 8.52 -5.13 7.37
C LEU B 43 9.59 -4.14 7.81
N GLY B 44 10.33 -4.53 8.82
CA GLY B 44 11.36 -3.66 9.37
C GLY B 44 11.80 -4.13 10.71
N GLN B 45 12.53 -3.28 11.40
CA GLN B 45 13.05 -3.60 12.73
C GLN B 45 12.74 -2.52 13.75
N GLY B 46 12.52 -2.92 15.00
CA GLY B 46 12.30 -2.00 16.12
C GLY B 46 13.47 -2.17 17.05
N THR B 47 13.37 -1.67 18.28
CA THR B 47 14.41 -1.84 19.29
C THR B 47 14.30 -3.27 19.83
N ARG B 48 15.31 -4.12 19.53
CA ARG B 48 15.44 -5.52 19.94
C ARG B 48 14.36 -6.41 19.30
N THR B 49 13.81 -5.97 18.15
CA THR B 49 12.71 -6.67 17.47
C THR B 49 12.81 -6.65 15.97
N ASN B 50 12.14 -7.62 15.37
CA ASN B 50 11.94 -7.80 13.94
C ASN B 50 10.43 -7.77 13.72
N VAL B 51 9.99 -6.84 12.88
CA VAL B 51 8.58 -6.60 12.62
C VAL B 51 8.21 -7.32 11.31
N TYR B 52 7.12 -8.15 11.35
CA TYR B 52 6.55 -8.93 10.21
C TYR B 52 5.06 -8.68 9.99
N GLU B 53 4.61 -8.93 8.78
CA GLU B 53 3.22 -8.95 8.44
C GLU B 53 2.80 -10.36 8.83
N GLY B 54 1.53 -10.55 9.13
CA GLY B 54 1.05 -11.88 9.44
C GLY B 54 -0.44 -11.97 9.35
N ARG B 55 -0.95 -13.13 9.70
CA ARG B 55 -2.38 -13.39 9.80
C ARG B 55 -2.64 -13.95 11.18
N LEU B 56 -3.84 -13.71 11.66
CA LEU B 56 -4.34 -14.21 12.92
C LEU B 56 -5.72 -14.84 12.70
N ARG B 57 -5.84 -16.15 13.01
CA ARG B 57 -7.09 -16.92 12.91
C ARG B 57 -7.87 -16.81 14.22
N GLU B 84 -9.99 -14.87 9.72
CA GLU B 84 -8.62 -14.38 9.53
C GLU B 84 -8.46 -12.86 9.47
N LEU B 85 -7.49 -12.34 10.23
CA LEU B 85 -7.16 -10.91 10.25
C LEU B 85 -5.71 -10.71 9.87
N ARG B 86 -5.43 -9.63 9.11
CA ARG B 86 -4.08 -9.19 8.78
C ARG B 86 -3.52 -8.55 10.04
N VAL B 87 -2.33 -8.99 10.50
CA VAL B 87 -1.71 -8.43 11.70
C VAL B 87 -0.24 -8.08 11.47
N VAL B 88 0.38 -7.51 12.49
CA VAL B 88 1.79 -7.17 12.49
C VAL B 88 2.39 -7.84 13.73
N LEU B 89 3.39 -8.69 13.48
CA LEU B 89 4.09 -9.45 14.48
C LEU B 89 5.39 -8.77 14.86
N LYS B 90 5.57 -8.47 16.15
CA LYS B 90 6.81 -7.85 16.65
C LYS B 90 7.55 -8.92 17.42
N VAL B 91 8.55 -9.53 16.76
CA VAL B 91 9.35 -10.62 17.30
C VAL B 91 10.51 -10.09 18.10
N LEU B 92 10.44 -10.27 19.40
CA LEU B 92 11.47 -9.85 20.31
C LEU B 92 12.65 -10.83 20.21
N ASP B 93 13.85 -10.27 20.21
CA ASP B 93 15.11 -11.00 20.15
C ASP B 93 15.20 -11.93 21.37
N PRO B 94 16.01 -13.03 21.34
CA PRO B 94 16.22 -13.82 22.56
C PRO B 94 16.71 -12.83 23.63
N SER B 95 15.97 -12.75 24.74
CA SER B 95 16.21 -11.76 25.79
C SER B 95 16.13 -12.34 27.20
N HIS B 96 16.73 -11.63 28.17
CA HIS B 96 16.67 -11.90 29.58
C HIS B 96 15.28 -11.50 30.06
N HIS B 97 14.89 -11.96 31.26
CA HIS B 97 13.56 -11.70 31.81
C HIS B 97 13.21 -10.23 31.99
N ASP B 98 14.20 -9.33 32.30
CA ASP B 98 13.96 -7.88 32.48
C ASP B 98 13.50 -7.23 31.16
N ILE B 99 14.08 -7.67 30.05
CA ILE B 99 13.72 -7.19 28.71
C ILE B 99 12.35 -7.69 28.31
N ALA B 100 12.10 -9.01 28.48
CA ALA B 100 10.84 -9.66 28.17
C ALA B 100 9.71 -9.05 28.98
N LEU B 101 9.96 -8.76 30.27
CA LEU B 101 9.01 -8.15 31.18
C LEU B 101 8.62 -6.74 30.74
N ALA B 102 9.60 -5.94 30.24
CA ALA B 102 9.37 -4.58 29.72
C ALA B 102 8.53 -4.63 28.40
N PHE B 103 8.66 -5.74 27.67
CA PHE B 103 7.90 -6.04 26.45
C PHE B 103 6.47 -6.45 26.86
N TYR B 104 6.31 -7.20 27.99
CA TYR B 104 4.97 -7.59 28.52
C TYR B 104 4.24 -6.39 29.08
N GLU B 105 4.98 -5.48 29.76
CA GLU B 105 4.43 -4.21 30.30
C GLU B 105 3.80 -3.38 29.17
N THR B 106 4.44 -3.34 27.98
CA THR B 106 3.93 -2.67 26.80
C THR B 106 2.65 -3.34 26.29
N ALA B 107 2.66 -4.68 26.20
CA ALA B 107 1.46 -5.42 25.76
C ALA B 107 0.29 -5.18 26.74
N SER B 108 0.58 -5.13 28.04
CA SER B 108 -0.35 -4.91 29.13
C SER B 108 -0.99 -3.53 28.99
N LEU B 109 -0.14 -2.50 28.95
CA LEU B 109 -0.50 -1.10 28.79
C LEU B 109 -1.41 -0.90 27.58
N MET B 110 -1.02 -1.48 26.43
CA MET B 110 -1.77 -1.34 25.16
C MET B 110 -3.03 -2.16 25.14
N SER B 111 -3.10 -3.25 25.94
CA SER B 111 -4.32 -4.07 26.05
C SER B 111 -5.38 -3.41 26.95
N GLN B 112 -4.95 -2.57 27.89
CA GLN B 112 -5.82 -1.86 28.82
C GLN B 112 -6.29 -0.49 28.28
N VAL B 113 -5.90 -0.13 27.05
CA VAL B 113 -6.32 1.16 26.46
C VAL B 113 -7.19 0.96 25.23
N SER B 114 -8.07 1.94 24.96
CA SER B 114 -8.92 1.97 23.78
C SER B 114 -9.10 3.42 23.34
N HIS B 115 -8.60 3.73 22.15
CA HIS B 115 -8.64 5.06 21.54
C HIS B 115 -8.49 4.87 20.05
N THR B 116 -9.19 5.68 19.26
CA THR B 116 -9.20 5.60 17.79
C THR B 116 -7.82 5.86 17.18
N HIS B 117 -6.98 6.65 17.85
CA HIS B 117 -5.64 6.97 17.37
C HIS B 117 -4.54 6.15 18.07
N LEU B 118 -4.90 5.03 18.66
CA LEU B 118 -3.95 4.12 19.30
C LEU B 118 -4.11 2.79 18.60
N ALA B 119 -2.98 2.16 18.19
CA ALA B 119 -3.05 0.86 17.52
C ALA B 119 -3.38 -0.22 18.54
N PHE B 120 -4.17 -1.20 18.11
CA PHE B 120 -4.65 -2.34 18.89
C PHE B 120 -3.59 -3.42 19.06
N VAL B 121 -3.56 -4.03 20.27
CA VAL B 121 -2.70 -5.18 20.60
C VAL B 121 -3.65 -6.37 20.84
N HIS B 122 -3.47 -7.44 20.05
CA HIS B 122 -4.27 -8.67 20.08
C HIS B 122 -3.82 -9.59 21.21
N GLY B 123 -2.55 -9.47 21.58
CA GLY B 123 -1.97 -10.29 22.63
C GLY B 123 -0.52 -10.65 22.42
N VAL B 124 -0.05 -11.68 23.13
CA VAL B 124 1.33 -12.15 23.11
C VAL B 124 1.43 -13.65 22.92
N CYS B 125 2.33 -14.05 22.02
CA CYS B 125 2.71 -15.41 21.70
C CYS B 125 4.15 -15.72 22.17
N VAL B 126 4.37 -16.89 22.76
CA VAL B 126 5.72 -17.30 23.17
C VAL B 126 6.09 -18.52 22.27
N ARG B 127 7.06 -18.34 21.39
CA ARG B 127 7.55 -19.33 20.41
C ARG B 127 9.00 -19.52 20.76
N GLY B 128 9.31 -20.64 21.42
CA GLY B 128 10.67 -20.93 21.87
C GLY B 128 11.28 -19.77 22.66
N PRO B 129 12.45 -19.24 22.23
CA PRO B 129 13.06 -18.11 22.97
C PRO B 129 12.48 -16.74 22.55
N GLU B 130 11.53 -16.77 21.59
CA GLU B 130 10.93 -15.57 21.00
C GLU B 130 9.56 -15.20 21.60
N ASN B 131 9.42 -13.92 21.96
CA ASN B 131 8.18 -13.33 22.42
C ASN B 131 7.66 -12.49 21.26
N ILE B 132 6.38 -12.69 20.91
CA ILE B 132 5.77 -12.04 19.78
C ILE B 132 4.58 -11.20 20.22
N MET B 133 4.65 -9.88 20.01
CA MET B 133 3.46 -9.07 20.25
C MET B 133 2.65 -9.11 18.96
N VAL B 134 1.40 -9.54 19.05
CA VAL B 134 0.50 -9.65 17.91
C VAL B 134 -0.27 -8.34 17.91
N THR B 135 -0.07 -7.51 16.86
CA THR B 135 -0.63 -6.16 16.84
C THR B 135 -1.40 -5.85 15.56
N GLU B 136 -2.13 -4.72 15.62
CA GLU B 136 -2.92 -4.19 14.50
C GLU B 136 -2.07 -3.88 13.28
N TYR B 137 -2.56 -4.31 12.11
CA TYR B 137 -2.00 -4.00 10.80
C TYR B 137 -2.71 -2.72 10.35
N VAL B 138 -1.90 -1.75 9.97
CA VAL B 138 -2.34 -0.44 9.48
C VAL B 138 -1.90 -0.40 7.99
N GLU B 139 -2.81 0.04 7.11
CA GLU B 139 -2.61 0.01 5.66
C GLU B 139 -1.32 0.60 5.13
N HIS B 140 -1.00 1.84 5.48
CA HIS B 140 0.09 2.54 4.81
C HIS B 140 1.39 2.63 5.60
N GLY B 141 1.41 2.04 6.78
CA GLY B 141 2.60 1.95 7.59
C GLY B 141 3.11 3.22 8.22
N PRO B 142 4.43 3.21 8.58
CA PRO B 142 5.04 4.38 9.27
C PRO B 142 5.00 5.71 8.50
N LEU B 143 4.72 6.79 9.25
CA LEU B 143 4.61 8.16 8.77
C LEU B 143 5.91 8.74 8.21
N ASP B 144 7.02 8.53 8.92
CA ASP B 144 8.33 9.08 8.53
C ASP B 144 8.77 8.62 7.13
N VAL B 145 8.54 7.34 6.82
CA VAL B 145 8.85 6.67 5.55
C VAL B 145 8.04 7.35 4.44
N TRP B 146 6.73 7.56 4.68
CA TRP B 146 5.82 8.19 3.76
C TRP B 146 6.19 9.66 3.51
N LEU B 147 6.53 10.41 4.59
CA LEU B 147 6.93 11.81 4.48
C LEU B 147 8.19 11.99 3.60
N ARG B 148 9.20 11.09 3.73
CA ARG B 148 10.45 11.14 2.94
C ARG B 148 10.19 10.80 1.48
N ARG B 149 9.17 9.95 1.19
CA ARG B 149 8.72 9.58 -0.16
C ARG B 149 7.96 10.73 -0.85
N GLU B 150 7.18 11.50 -0.09
CA GLU B 150 6.34 12.60 -0.55
C GLU B 150 6.90 14.00 -0.23
N ARG B 151 8.24 14.10 0.04
CA ARG B 151 8.94 15.35 0.42
C ARG B 151 8.65 16.49 -0.55
N GLY B 152 8.27 17.63 -0.01
CA GLY B 152 7.96 18.82 -0.76
C GLY B 152 6.53 18.88 -1.24
N HIS B 153 5.78 17.77 -1.14
CA HIS B 153 4.41 17.69 -1.61
C HIS B 153 3.37 17.41 -0.49
N VAL B 154 3.74 17.70 0.77
CA VAL B 154 2.85 17.51 1.91
C VAL B 154 2.32 18.86 2.42
N PRO B 155 1.00 19.13 2.22
CA PRO B 155 0.43 20.39 2.70
C PRO B 155 0.49 20.58 4.21
N MET B 156 0.59 21.86 4.64
CA MET B 156 0.63 22.24 6.04
C MET B 156 -0.67 21.87 6.78
N ALA B 157 -1.82 21.94 6.09
CA ALA B 157 -3.14 21.58 6.64
C ALA B 157 -3.22 20.09 6.98
N TRP B 158 -2.54 19.24 6.18
CA TRP B 158 -2.42 17.79 6.35
C TRP B 158 -1.63 17.51 7.67
N LYS B 159 -0.48 18.19 7.84
CA LYS B 159 0.42 18.10 8.99
C LYS B 159 -0.29 18.49 10.28
N MET B 160 -1.18 19.50 10.22
CA MET B 160 -1.97 19.99 11.36
C MET B 160 -3.01 18.94 11.79
N VAL B 161 -3.62 18.21 10.83
CA VAL B 161 -4.55 17.13 11.15
C VAL B 161 -3.82 16.03 11.96
N VAL B 162 -2.65 15.57 11.47
CA VAL B 162 -1.80 14.54 12.12
C VAL B 162 -1.42 14.96 13.55
N ALA B 163 -0.99 16.24 13.71
CA ALA B 163 -0.59 16.84 14.98
C ALA B 163 -1.73 16.80 16.00
N GLN B 164 -2.97 17.14 15.56
CA GLN B 164 -4.18 17.12 16.38
C GLN B 164 -4.54 15.70 16.77
N GLN B 165 -4.46 14.76 15.83
CA GLN B 165 -4.77 13.35 16.09
C GLN B 165 -3.76 12.73 17.05
N LEU B 166 -2.47 13.16 16.95
CA LEU B 166 -1.41 12.68 17.84
C LEU B 166 -1.59 13.25 19.28
N ALA B 167 -1.89 14.57 19.40
CA ALA B 167 -2.15 15.22 20.68
C ALA B 167 -3.39 14.61 21.37
N SER B 168 -4.41 14.27 20.59
CA SER B 168 -5.65 13.63 21.04
C SER B 168 -5.33 12.26 21.71
N ALA B 169 -4.50 11.42 21.04
CA ALA B 169 -4.10 10.12 21.59
C ALA B 169 -3.25 10.29 22.84
N LEU B 170 -2.37 11.31 22.85
CA LEU B 170 -1.47 11.53 23.99
C LEU B 170 -2.18 12.18 25.19
N SER B 171 -3.24 12.99 24.93
CA SER B 171 -4.11 13.61 25.92
C SER B 171 -4.88 12.50 26.66
N TYR B 172 -5.36 11.49 25.92
CA TYR B 172 -6.04 10.34 26.46
C TYR B 172 -5.11 9.57 27.42
N LEU B 173 -3.84 9.37 27.02
CA LEU B 173 -2.85 8.66 27.85
C LEU B 173 -2.50 9.48 29.09
N GLU B 174 -2.41 10.83 28.94
CA GLU B 174 -2.15 11.80 30.02
C GLU B 174 -3.25 11.74 31.12
N ASN B 175 -4.53 11.74 30.71
CA ASN B 175 -5.70 11.68 31.59
C ASN B 175 -5.71 10.42 32.42
N LYS B 176 -5.18 9.31 31.83
CA LYS B 176 -5.08 8.01 32.49
C LYS B 176 -3.72 7.88 33.19
N ASN B 177 -2.91 8.93 33.20
CA ASN B 177 -1.57 8.97 33.82
C ASN B 177 -0.67 7.79 33.32
N LEU B 178 -0.70 7.57 32.00
CA LEU B 178 0.03 6.50 31.33
C LEU B 178 1.08 7.12 30.46
N VAL B 179 2.27 6.50 30.42
CA VAL B 179 3.39 6.99 29.62
C VAL B 179 3.63 6.11 28.39
N HIS B 180 3.76 6.75 27.21
CA HIS B 180 4.07 6.04 25.98
C HIS B 180 5.61 5.83 25.97
N GLY B 181 6.39 6.91 25.97
CA GLY B 181 7.84 6.83 26.05
C GLY B 181 8.61 6.59 24.75
N ASN B 182 7.89 6.55 23.59
CA ASN B 182 8.46 6.36 22.28
C ASN B 182 7.65 7.04 21.17
N VAL B 183 7.33 8.32 21.36
CA VAL B 183 6.61 9.09 20.35
C VAL B 183 7.61 9.57 19.30
N CYS B 184 7.44 9.09 18.05
CA CYS B 184 8.29 9.45 16.90
C CYS B 184 7.50 9.09 15.66
N GLY B 185 7.85 9.71 14.53
CA GLY B 185 7.20 9.52 13.24
C GLY B 185 7.13 8.06 12.80
N ARG B 186 8.15 7.28 13.15
CA ARG B 186 8.23 5.84 12.86
C ARG B 186 7.07 5.07 13.55
N ASN B 187 6.65 5.51 14.76
CA ASN B 187 5.57 4.91 15.55
C ASN B 187 4.19 5.52 15.23
N ILE B 188 4.14 6.42 14.26
CA ILE B 188 2.89 6.95 13.80
C ILE B 188 2.54 6.19 12.52
N LEU B 189 1.42 5.50 12.55
CA LEU B 189 1.03 4.68 11.42
C LEU B 189 -0.12 5.31 10.75
N LEU B 190 -0.13 5.28 9.40
CA LEU B 190 -1.24 5.86 8.63
C LEU B 190 -2.26 4.83 8.20
N ALA B 191 -3.49 4.93 8.73
CA ALA B 191 -4.63 4.07 8.37
C ALA B 191 -5.24 4.61 7.05
N ARG B 192 -5.21 5.94 6.86
CA ARG B 192 -5.67 6.68 5.68
C ARG B 192 -4.62 7.76 5.32
N LEU B 193 -4.41 7.98 4.01
CA LEU B 193 -3.47 9.02 3.55
C LEU B 193 -4.15 10.37 3.40
N SER B 200 -8.95 13.68 4.66
CA SER B 200 -7.76 14.05 5.43
C SER B 200 -7.04 12.79 5.98
N PRO B 201 -5.80 12.84 6.53
CA PRO B 201 -5.17 11.58 7.02
C PRO B 201 -5.82 11.03 8.30
N PHE B 202 -5.53 9.76 8.59
CA PHE B 202 -5.98 9.11 9.80
C PHE B 202 -4.84 8.30 10.35
N ILE B 203 -4.34 8.68 11.54
CA ILE B 203 -3.19 8.03 12.18
C ILE B 203 -3.55 7.13 13.36
N LYS B 204 -2.70 6.12 13.63
CA LYS B 204 -2.72 5.25 14.81
C LYS B 204 -1.32 5.25 15.39
N LEU B 205 -1.18 5.68 16.64
CA LEU B 205 0.08 5.65 17.39
C LEU B 205 0.31 4.19 17.78
N SER B 206 1.47 3.65 17.38
CA SER B 206 1.87 2.27 17.64
C SER B 206 2.18 2.09 19.13
N ASP B 207 2.34 0.83 19.56
CA ASP B 207 2.79 0.51 20.91
C ASP B 207 4.25 1.02 20.98
N PRO B 208 4.77 1.35 22.20
CA PRO B 208 6.16 1.84 22.27
C PRO B 208 7.28 0.78 22.14
N GLY B 209 6.95 -0.51 22.02
CA GLY B 209 7.95 -1.58 21.95
C GLY B 209 8.54 -1.91 23.30
N VAL B 210 9.80 -2.37 23.39
CA VAL B 210 10.41 -2.61 24.70
C VAL B 210 10.45 -1.28 25.49
N GLY B 211 9.82 -1.25 26.66
CA GLY B 211 9.78 -0.07 27.51
C GLY B 211 11.13 0.58 27.74
N LEU B 212 11.18 1.91 27.65
CA LEU B 212 12.37 2.75 27.79
C LEU B 212 13.30 2.40 28.96
N GLY B 213 12.69 2.11 30.13
CA GLY B 213 13.38 1.78 31.37
C GLY B 213 14.31 0.59 31.31
N ALA B 214 14.07 -0.33 30.36
CA ALA B 214 14.89 -1.54 30.20
C ALA B 214 16.06 -1.37 29.24
N LEU B 215 16.09 -0.26 28.49
CA LEU B 215 17.11 0.00 27.49
C LEU B 215 18.42 0.54 28.03
N SER B 216 19.52 0.22 27.31
CA SER B 216 20.89 0.68 27.61
C SER B 216 21.07 2.16 27.22
N ARG B 217 22.11 2.83 27.76
CA ARG B 217 22.40 4.23 27.45
C ARG B 217 22.61 4.46 25.95
N GLU B 218 23.28 3.50 25.28
CA GLU B 218 23.57 3.47 23.85
C GLU B 218 22.28 3.56 23.03
N GLU B 219 21.23 2.82 23.45
CA GLU B 219 19.91 2.79 22.82
C GLU B 219 19.14 4.07 23.11
N ARG B 220 19.34 4.66 24.31
CA ARG B 220 18.69 5.94 24.66
C ARG B 220 19.33 7.09 23.85
N VAL B 221 20.65 7.02 23.63
CA VAL B 221 21.38 8.01 22.82
C VAL B 221 20.90 7.93 21.35
N GLU B 222 20.62 6.72 20.83
CA GLU B 222 20.11 6.50 19.47
C GLU B 222 18.73 7.13 19.29
N ARG B 223 18.00 7.29 20.41
CA ARG B 223 16.63 7.81 20.41
C ARG B 223 16.55 9.36 20.42
N ILE B 224 17.72 10.04 20.47
CA ILE B 224 17.86 11.50 20.38
C ILE B 224 17.59 11.89 18.88
N PRO B 225 16.78 12.92 18.58
CA PRO B 225 16.18 13.95 19.46
C PRO B 225 14.80 13.69 20.07
N TRP B 226 14.22 12.49 19.86
CA TRP B 226 12.87 12.18 20.37
C TRP B 226 12.87 11.94 21.88
N LEU B 227 13.94 11.33 22.39
CA LEU B 227 14.13 11.02 23.80
C LEU B 227 14.17 12.31 24.64
N ALA B 228 13.37 12.40 25.71
CA ALA B 228 13.36 13.54 26.61
C ALA B 228 14.73 13.63 27.32
N PRO B 229 15.36 14.84 27.46
CA PRO B 229 16.73 14.92 28.03
C PRO B 229 16.90 14.37 29.45
N GLU B 230 15.84 14.42 30.27
CA GLU B 230 15.81 13.87 31.64
C GLU B 230 15.89 12.33 31.66
N CYS B 231 15.65 11.67 30.51
CA CYS B 231 15.71 10.21 30.34
C CYS B 231 17.09 9.78 29.94
N LEU B 232 17.97 10.72 29.59
CA LEU B 232 19.34 10.38 29.19
C LEU B 232 20.15 9.76 30.36
N PRO B 233 20.11 10.31 31.62
CA PRO B 233 20.85 9.65 32.71
C PRO B 233 20.01 8.62 33.46
N SER B 240 7.83 9.79 33.91
CA SER B 240 6.83 10.86 33.92
C SER B 240 6.17 11.07 32.55
N THR B 241 4.91 11.57 32.56
CA THR B 241 4.09 11.88 31.38
C THR B 241 4.72 13.03 30.60
N ALA B 242 5.55 13.84 31.29
CA ALA B 242 6.31 14.98 30.76
C ALA B 242 7.23 14.60 29.60
N MET B 243 7.80 13.38 29.59
CA MET B 243 8.67 12.91 28.50
C MET B 243 7.96 12.83 27.12
N ASP B 244 6.64 12.61 27.11
CA ASP B 244 5.84 12.49 25.89
C ASP B 244 5.56 13.85 25.23
N LYS B 245 5.74 14.96 25.97
CA LYS B 245 5.58 16.32 25.42
C LYS B 245 6.82 16.62 24.59
N TRP B 246 8.00 16.20 25.12
CA TRP B 246 9.25 16.34 24.37
C TRP B 246 9.17 15.48 23.08
N GLY B 247 8.77 14.21 23.23
CA GLY B 247 8.59 13.25 22.12
C GLY B 247 7.68 13.82 21.07
N PHE B 248 6.52 14.38 21.49
CA PHE B 248 5.53 15.03 20.64
C PHE B 248 6.14 16.23 19.91
N GLY B 249 6.84 17.10 20.64
CA GLY B 249 7.52 18.27 20.11
C GLY B 249 8.53 17.90 19.04
N ALA B 250 9.45 16.94 19.34
CA ALA B 250 10.46 16.47 18.35
C ALA B 250 9.79 15.85 17.10
N THR B 251 8.64 15.16 17.30
CA THR B 251 7.84 14.52 16.23
C THR B 251 7.24 15.57 15.31
N LEU B 252 6.83 16.72 15.90
CA LEU B 252 6.29 17.86 15.15
C LEU B 252 7.38 18.44 14.25
N LEU B 253 8.61 18.55 14.76
CA LEU B 253 9.73 19.02 13.94
C LEU B 253 9.96 18.07 12.75
N GLU B 254 10.01 16.75 13.03
CA GLU B 254 10.17 15.68 12.06
C GLU B 254 9.06 15.76 10.98
N ILE B 255 7.81 16.03 11.39
CA ILE B 255 6.68 16.16 10.45
C ILE B 255 6.86 17.40 9.57
N CYS B 256 7.18 18.57 10.20
CA CYS B 256 7.42 19.82 9.49
C CYS B 256 8.57 19.65 8.50
N PHE B 257 9.62 18.90 8.88
CA PHE B 257 10.78 18.72 8.01
C PHE B 257 10.67 17.53 7.06
N ASP B 258 9.43 17.04 6.78
CA ASP B 258 9.12 15.92 5.88
C ASP B 258 9.88 14.61 6.20
N GLY B 259 9.81 14.20 7.46
CA GLY B 259 10.41 12.96 7.95
C GLY B 259 11.91 13.01 8.13
N GLU B 260 12.48 14.23 8.16
CA GLU B 260 13.91 14.46 8.35
C GLU B 260 14.08 15.09 9.74
N ALA B 261 14.32 14.29 10.77
CA ALA B 261 14.48 14.81 12.11
C ALA B 261 15.85 15.48 12.28
N PRO B 262 15.95 16.53 13.14
CA PRO B 262 17.27 17.14 13.41
C PRO B 262 18.18 16.14 14.12
N LEU B 263 19.51 16.32 13.99
CA LEU B 263 20.57 15.49 14.61
C LEU B 263 20.66 14.06 14.06
N GLN B 264 19.84 13.69 13.07
CA GLN B 264 19.83 12.36 12.44
C GLN B 264 21.18 12.04 11.74
N SER B 265 21.91 13.07 11.27
CA SER B 265 23.24 12.89 10.65
C SER B 265 24.36 12.96 11.72
N ARG B 266 24.04 13.45 12.94
CA ARG B 266 24.98 13.59 14.05
C ARG B 266 25.29 12.25 14.73
N SER B 267 26.57 12.08 15.12
CA SER B 267 27.13 10.90 15.81
C SER B 267 26.57 10.75 17.24
N PRO B 268 26.70 9.57 17.92
CA PRO B 268 26.19 9.47 19.30
C PRO B 268 26.82 10.47 20.28
N SER B 269 28.15 10.73 20.16
CA SER B 269 28.88 11.69 20.99
C SER B 269 28.34 13.12 20.79
N GLU B 270 28.05 13.49 19.52
CA GLU B 270 27.47 14.78 19.12
C GLU B 270 26.05 14.95 19.66
N LYS B 271 25.20 13.89 19.53
CA LYS B 271 23.82 13.86 20.06
C LYS B 271 23.82 14.05 21.57
N GLU B 272 24.67 13.28 22.28
CA GLU B 272 24.84 13.35 23.74
C GLU B 272 25.37 14.74 24.17
N HIS B 273 26.39 15.30 23.44
CA HIS B 273 26.96 16.64 23.70
C HIS B 273 25.91 17.73 23.51
N PHE B 274 25.03 17.58 22.49
CA PHE B 274 23.93 18.50 22.21
C PHE B 274 23.01 18.60 23.44
N TYR B 275 22.65 17.46 24.04
CA TYR B 275 21.80 17.40 25.25
C TYR B 275 22.56 17.85 26.50
N GLN B 276 23.85 17.45 26.64
CA GLN B 276 24.75 17.80 27.76
C GLN B 276 25.00 19.31 27.84
N ARG B 277 25.17 19.99 26.68
CA ARG B 277 25.35 21.44 26.62
C ARG B 277 24.01 22.20 26.70
N GLN B 278 22.86 21.46 26.74
CA GLN B 278 21.47 21.96 26.83
C GLN B 278 21.05 22.80 25.60
N HIS B 279 21.67 22.50 24.42
CA HIS B 279 21.35 23.12 23.13
C HIS B 279 19.89 22.85 22.75
N ARG B 280 19.25 23.84 22.17
CA ARG B 280 17.86 23.67 21.81
C ARG B 280 17.70 23.31 20.32
N LEU B 281 16.67 22.51 20.01
CA LEU B 281 16.40 22.06 18.65
C LEU B 281 15.88 23.21 17.77
N PRO B 282 16.04 23.15 16.42
CA PRO B 282 15.57 24.26 15.57
C PRO B 282 14.08 24.60 15.64
N GLU B 283 13.71 25.74 15.06
CA GLU B 283 12.31 26.16 14.97
C GLU B 283 11.75 25.47 13.69
N PRO B 284 10.47 25.03 13.71
CA PRO B 284 9.92 24.33 12.52
C PRO B 284 9.82 25.19 11.25
N PRO B 287 5.26 27.63 10.51
CA PRO B 287 5.29 28.74 11.48
C PRO B 287 4.15 28.68 12.50
N GLN B 288 3.03 28.04 12.13
CA GLN B 288 1.86 27.87 12.99
C GLN B 288 2.11 26.86 14.14
N LEU B 289 3.35 26.33 14.27
CA LEU B 289 3.71 25.34 15.29
C LEU B 289 4.98 25.71 16.11
N ALA B 290 5.67 26.81 15.75
CA ALA B 290 6.92 27.27 16.38
C ALA B 290 6.83 27.52 17.89
N THR B 291 5.71 28.10 18.36
CA THR B 291 5.50 28.39 19.79
C THR B 291 5.30 27.06 20.53
N LEU B 292 4.37 26.24 20.02
CA LEU B 292 4.02 24.92 20.54
C LEU B 292 5.24 24.01 20.69
N THR B 293 6.08 23.87 19.64
CA THR B 293 7.29 23.04 19.71
C THR B 293 8.30 23.57 20.70
N SER B 294 8.52 24.90 20.72
CA SER B 294 9.45 25.58 21.64
C SER B 294 9.07 25.34 23.10
N GLN B 295 7.74 25.32 23.39
CA GLN B 295 7.19 25.06 24.73
C GLN B 295 7.41 23.61 25.13
N CYS B 296 7.19 22.66 24.18
CA CYS B 296 7.34 21.21 24.40
C CYS B 296 8.81 20.81 24.53
N LEU B 297 9.67 21.44 23.74
CA LEU B 297 11.08 21.10 23.71
C LEU B 297 11.92 21.90 24.72
N THR B 298 11.37 22.06 25.94
CA THR B 298 12.11 22.68 27.04
C THR B 298 12.73 21.58 27.93
N TYR B 299 13.97 21.81 28.36
CA TYR B 299 14.71 20.89 29.22
C TYR B 299 14.08 20.71 30.61
N GLU B 300 13.27 21.69 31.06
CA GLU B 300 12.55 21.64 32.34
C GLU B 300 11.21 20.94 32.11
N PRO B 301 11.08 19.67 32.57
CA PRO B 301 9.85 18.90 32.32
C PRO B 301 8.55 19.55 32.82
N THR B 302 8.62 20.26 33.96
CA THR B 302 7.48 20.94 34.60
C THR B 302 6.97 22.13 33.77
N GLN B 303 7.87 22.75 32.98
CA GLN B 303 7.60 23.90 32.10
C GLN B 303 6.85 23.52 30.80
N ARG B 304 6.83 22.21 30.44
CA ARG B 304 6.14 21.71 29.24
C ARG B 304 4.61 21.77 29.42
N PRO B 305 3.87 22.26 28.38
CA PRO B 305 2.39 22.34 28.52
C PRO B 305 1.71 20.97 28.57
N SER B 306 0.49 20.91 29.11
CA SER B 306 -0.25 19.65 29.17
C SER B 306 -0.86 19.39 27.79
N PHE B 307 -1.29 18.14 27.51
CA PHE B 307 -1.92 17.83 26.21
C PHE B 307 -3.34 18.41 26.10
N ARG B 308 -3.98 18.77 27.22
CA ARG B 308 -5.29 19.44 27.20
C ARG B 308 -5.06 20.84 26.63
N THR B 309 -3.95 21.50 27.05
CA THR B 309 -3.54 22.82 26.56
C THR B 309 -3.18 22.71 25.08
N ILE B 310 -2.28 21.74 24.72
CA ILE B 310 -1.82 21.49 23.34
C ILE B 310 -3.00 21.23 22.40
N LEU B 311 -3.92 20.31 22.78
CA LEU B 311 -5.11 19.96 22.00
C LEU B 311 -6.07 21.14 21.84
N ARG B 312 -6.33 21.89 22.94
CA ARG B 312 -7.19 23.09 22.92
C ARG B 312 -6.58 24.15 21.98
N ASP B 313 -5.25 24.37 22.06
CA ASP B 313 -4.52 25.31 21.22
C ASP B 313 -4.47 24.86 19.76
N LEU B 314 -4.59 23.55 19.47
CA LEU B 314 -4.59 23.13 18.07
C LEU B 314 -5.95 23.40 17.42
N THR B 315 -7.02 23.55 18.25
CA THR B 315 -8.37 23.89 17.83
C THR B 315 -8.58 25.41 17.86
C13 L91 C . 4.29 -2.24 -8.67
C18 L91 C . 2.65 -5.02 -16.24
C17 L91 C . 3.21 -6.29 -16.26
C16 L91 C . 4.35 -6.55 -15.51
C15 L91 C . 4.90 -5.57 -14.72
C19 L91 C . -0.03 -4.28 -16.76
C11 L91 C . 5.54 -4.23 -8.91
C12 L91 C . 5.07 -3.23 -8.10
C1 L91 C . 1.62 -0.65 -14.36
C2 L91 C . 1.49 0.17 -13.25
N1 L91 C . 2.03 -0.07 -12.05
C3 L91 C . 2.71 -1.22 -11.90
C4 L91 C . 2.87 -2.14 -12.94
C5 L91 C . 2.36 -1.85 -14.21
C6 L91 C . 0.93 -0.33 -15.64
N2 L91 C . 0.49 0.92 -15.82
O1 L91 C . 0.79 -1.19 -16.49
C7 L91 C . -0.48 1.24 -16.85
N3 L91 C . 2.53 -2.76 -15.32
C8 L91 C . 3.17 -4.02 -15.39
N4 L91 C . 3.19 -1.37 -10.63
C9 L91 C . 4.01 -2.32 -10.04
N5 L91 C . 4.46 -3.30 -10.82
C10 L91 C . 5.21 -4.25 -10.27
F1 L91 C . 6.43 -5.11 -8.42
C14 L91 C . 4.33 -4.30 -14.67
S1 L91 C . 1.50 -4.66 -17.55
O2 L91 C . 1.97 -3.48 -18.22
O3 L91 C . 1.31 -5.84 -18.34
H11 L91 C . 3.94 -1.42 -8.05
H15 L91 C . 2.78 -7.11 -16.84
H14 L91 C . 4.79 -7.55 -15.54
H13 L91 C . 5.78 -5.79 -14.13
H17 L91 C . -0.80 -5.03 -16.86
H18 L91 C . -0.52 -3.36 -17.10
H16 L91 C . 0.07 -4.15 -15.68
H10 L91 C . 5.29 -3.22 -7.04
H1 L91 C . 0.84 1.04 -13.23
H2 L91 C . 3.27 -3.13 -12.73
H3 L91 C . 0.86 1.70 -15.30
H6 L91 C . -1.26 0.49 -16.90
H5 L91 C . -0.03 1.31 -17.84
H4 L91 C . -0.96 2.20 -16.66
H7 L91 C . 2.17 -2.44 -16.21
H8 L91 C . 2.90 -0.64 -9.98
H9 L91 C . 5.52 -5.05 -10.94
H12 L91 C . 4.87 -3.52 -14.13
S SO4 D . -6.30 -26.72 -16.92
O1 SO4 D . -6.11 -27.50 -18.15
O2 SO4 D . -6.06 -27.54 -15.73
O3 SO4 D . -7.69 -26.24 -16.88
O4 SO4 D . -5.30 -25.63 -16.88
C13 L91 E . 2.07 -1.37 5.83
C18 L91 E . 7.25 -0.62 12.19
C17 L91 E . 8.49 -0.47 11.57
C16 L91 E . 8.68 -0.92 10.28
C15 L91 E . 7.65 -1.52 9.60
C19 L91 E . 5.98 1.03 14.10
C11 L91 E . 4.26 -1.38 4.93
C12 L91 E . 2.90 -1.36 4.72
C1 L91 E . 2.43 -1.59 12.34
C2 L91 E . 1.20 -1.64 11.70
N1 L91 E . 1.03 -1.60 10.37
C3 L91 E . 2.12 -1.45 9.61
C4 L91 E . 3.39 -1.34 10.17
C5 L91 E . 3.59 -1.44 11.54
C6 L91 E . 2.50 -1.58 13.85
N2 L91 E . 1.46 -2.09 14.50
O1 L91 E . 3.46 -1.08 14.43
C7 L91 E . 1.16 -1.71 15.87
N3 L91 E . 4.88 -1.36 12.12
C8 L91 E . 6.17 -1.23 11.49
N4 L91 E . 1.86 -1.43 8.24
C9 L91 E . 2.65 -1.40 7.11
N5 L91 E . 3.98 -1.44 7.30
C10 L91 E . 4.78 -1.43 6.23
F1 L91 E . 5.09 -1.32 3.86
C14 L91 E . 6.41 -1.71 10.21
S1 L91 E . 7.17 -0.25 13.93
O2 L91 E . 8.44 0.26 14.32
O3 L91 E . 6.68 -1.42 14.58
H11 L91 E . 0.99 -1.39 5.69
H15 L91 E . 9.33 0.00 12.08
H14 L91 E . 9.65 -0.80 9.80
H13 L91 E . 7.79 -1.83 8.57
H17 L91 E . 4.97 0.79 13.80
H18 L91 E . 5.86 1.43 15.11
H16 L91 E . 6.20 1.90 13.50
H10 L91 E . 2.48 -1.31 3.73
H1 L91 E . 0.26 -1.62 12.24
H2 L91 E . 4.20 -0.97 9.53
H3 L91 E . 0.87 -2.79 14.10
H6 L91 E . 1.33 -0.65 16.04
H5 L91 E . 0.12 -1.91 16.14
H4 L91 E . 1.78 -2.26 16.59
H7 L91 E . 4.94 -1.44 13.13
H8 L91 E . 0.86 -1.41 8.02
H9 L91 E . 5.84 -1.44 6.45
H12 L91 E . 5.70 -2.35 9.68
S SO4 F . 21.82 17.81 11.73
O1 SO4 F . 22.45 16.50 11.94
O2 SO4 F . 20.37 17.73 11.76
O3 SO4 F . 22.20 18.28 10.40
O4 SO4 F . 22.22 18.73 12.79
S SO4 G . -6.65 6.49 1.60
O1 SO4 G . -8.09 6.20 1.69
O2 SO4 G . -5.94 5.54 2.45
O3 SO4 G . -6.17 6.32 0.22
O4 SO4 G . -6.42 7.88 2.01
#